data_3L6V
#
_entry.id   3L6V
#
_cell.length_a   52.494
_cell.length_b   58.968
_cell.length_c   74.415
_cell.angle_alpha   79.00
_cell.angle_beta   79.78
_cell.angle_gamma   69.62
#
_symmetry.space_group_name_H-M   'P 1'
#
loop_
_entity.id
_entity.type
_entity.pdbx_description
1 polymer 'DNA gyrase subunit A'
2 water water
#
_entity_poly.entity_id   1
_entity_poly.type   'polypeptide(L)'
_entity_poly.pdbx_seq_one_letter_code
;MDLIAPEDVVVTLSHAGYAKRQPVSAYRAQRRGGRGRSAASTKEEDFIDQLWLVNTHDTLLTFTSSGKVFWLPVHQLPEA
GSNARGRPIINWIPLESGERVQAVLPVREYADNRYVFMATRNGTVKKTPLSEFAFRLARGKIAINLDEGDALVGVALTDG
DRDVLLFASNGKTVRFGESTVRSMGRTATGVRGIRLAKGEEVVSLIVSERAGGVEDEVEDESAEEVVETTDGAEPAVIDV
ADNGDVAYILTATENGYGKRTPLAEYPRKGRGTQGVIGIQTTERNGKLVRAVLLGSTDEVMLISDGGTLVRTRGSEISRV
GRNTQGVTLIRLSKGEKLQAVERLDASLEEPEDVVDEAVAITSDAPPAEG
;
_entity_poly.pdbx_strand_id   A,B
#
# COMPACT_ATOMS: atom_id res chain seq x y z
N MET A 1 5.84 -54.24 2.79
CA MET A 1 4.88 -53.43 3.59
C MET A 1 3.81 -52.82 2.71
N ASP A 2 2.67 -52.50 3.32
CA ASP A 2 1.50 -52.08 2.56
C ASP A 2 1.32 -50.56 2.60
N LEU A 3 2.07 -49.86 1.74
CA LEU A 3 2.09 -48.40 1.75
C LEU A 3 0.98 -48.00 0.86
N ILE A 4 0.32 -46.91 1.22
CA ILE A 4 -0.99 -46.63 0.69
C ILE A 4 -0.97 -45.22 0.09
N ALA A 5 -0.05 -44.37 0.54
CA ALA A 5 0.06 -42.97 0.00
C ALA A 5 0.15 -43.03 -1.54
N PRO A 6 -0.63 -42.19 -2.23
CA PRO A 6 -0.48 -42.02 -3.69
C PRO A 6 0.77 -41.23 -4.05
N GLU A 7 1.46 -41.69 -5.08
CA GLU A 7 2.65 -41.05 -5.52
C GLU A 7 2.38 -39.65 -6.03
N ASP A 8 3.28 -38.73 -5.76
CA ASP A 8 3.15 -37.45 -6.39
C ASP A 8 3.44 -37.52 -7.90
N VAL A 9 3.08 -36.43 -8.56
CA VAL A 9 3.14 -36.35 -9.98
C VAL A 9 3.90 -35.10 -10.35
N VAL A 10 4.82 -35.20 -11.31
CA VAL A 10 5.36 -33.98 -11.94
C VAL A 10 4.53 -33.49 -13.12
N VAL A 11 4.05 -32.26 -13.00
CA VAL A 11 3.38 -31.63 -14.13
C VAL A 11 4.40 -30.77 -14.81
N THR A 12 4.49 -30.86 -16.14
CA THR A 12 5.33 -29.94 -16.93
C THR A 12 4.54 -29.13 -17.98
N LEU A 13 5.09 -27.99 -18.36
CA LEU A 13 4.52 -27.15 -19.38
C LEU A 13 5.70 -26.86 -20.24
N SER A 14 5.56 -27.08 -21.55
CA SER A 14 6.64 -26.77 -22.48
C SER A 14 6.56 -25.34 -22.94
N HIS A 15 7.62 -24.86 -23.56
CA HIS A 15 7.64 -23.46 -24.03
C HIS A 15 6.57 -23.18 -25.13
N ALA A 16 6.32 -24.16 -25.98
CA ALA A 16 5.23 -24.06 -26.98
C ALA A 16 3.88 -24.16 -26.35
N GLY A 17 3.81 -24.79 -25.18
CA GLY A 17 2.60 -24.83 -24.34
C GLY A 17 1.90 -26.19 -24.20
N TYR A 18 2.66 -27.26 -24.30
CA TYR A 18 2.08 -28.58 -24.07
C TYR A 18 2.23 -28.97 -22.59
N ALA A 19 1.16 -29.51 -22.04
CA ALA A 19 1.06 -29.91 -20.65
C ALA A 19 0.93 -31.47 -20.53
N LYS A 20 1.51 -32.04 -19.45
CA LYS A 20 1.80 -33.49 -19.31
C LYS A 20 1.87 -33.69 -17.78
N ARG A 21 1.58 -34.90 -17.29
CA ARG A 21 1.90 -35.29 -15.92
C ARG A 21 2.55 -36.67 -15.94
N GLN A 22 3.34 -36.96 -14.91
CA GLN A 22 4.05 -38.22 -14.89
C GLN A 22 4.37 -38.53 -13.41
N PRO A 23 4.23 -39.79 -12.96
CA PRO A 23 4.61 -40.15 -11.59
C PRO A 23 6.03 -39.72 -11.34
N VAL A 24 6.24 -39.05 -10.22
CA VAL A 24 7.57 -38.46 -10.01
C VAL A 24 8.68 -39.54 -9.99
N SER A 25 8.36 -40.78 -9.61
CA SER A 25 9.44 -41.78 -9.62
C SER A 25 9.90 -42.10 -11.03
N ALA A 26 8.97 -42.01 -11.98
CA ALA A 26 9.31 -42.34 -13.37
C ALA A 26 10.07 -41.16 -13.93
N TYR A 27 9.65 -39.95 -13.57
CA TYR A 27 10.38 -38.75 -13.92
C TYR A 27 11.85 -38.84 -13.43
N ARG A 28 12.05 -39.19 -12.16
CA ARG A 28 13.43 -39.32 -11.62
C ARG A 28 14.24 -40.45 -12.28
N ALA A 29 13.61 -41.60 -12.53
CA ALA A 29 14.33 -42.73 -13.11
C ALA A 29 14.75 -42.49 -14.57
N GLN A 30 14.02 -41.63 -15.28
CA GLN A 30 14.24 -41.28 -16.69
C GLN A 30 15.11 -40.04 -16.89
N ARG A 31 15.58 -39.43 -15.79
CA ARG A 31 16.49 -38.28 -15.86
C ARG A 31 17.83 -38.75 -16.46
N ARG A 32 18.30 -38.05 -17.50
CA ARG A 32 19.57 -38.36 -18.19
C ARG A 32 20.56 -37.22 -18.20
N GLY A 33 20.03 -36.01 -17.97
CA GLY A 33 20.81 -34.78 -18.06
C GLY A 33 21.94 -34.88 -19.08
N GLY A 34 23.16 -34.95 -18.56
CA GLY A 34 24.35 -34.96 -19.41
C GLY A 34 24.80 -33.58 -19.83
N ARG A 35 23.86 -32.77 -20.34
CA ARG A 35 24.17 -31.58 -21.17
C ARG A 35 24.86 -30.27 -20.64
N GLY A 36 25.99 -30.44 -19.95
CA GLY A 36 27.04 -29.40 -19.90
C GLY A 36 26.82 -28.15 -19.09
N ARG A 37 27.77 -27.21 -19.21
CA ARG A 37 27.70 -25.95 -18.48
C ARG A 37 26.80 -24.95 -19.18
N SER A 38 26.85 -24.95 -20.51
CA SER A 38 25.86 -24.26 -21.32
C SER A 38 25.59 -24.99 -22.62
N ALA A 39 24.59 -24.52 -23.34
CA ALA A 39 24.14 -25.13 -24.54
C ALA A 39 23.43 -24.10 -25.37
N ALA A 40 23.46 -24.26 -26.67
CA ALA A 40 22.75 -23.37 -27.56
C ALA A 40 22.08 -24.17 -28.65
N SER A 41 20.90 -23.75 -29.06
CA SER A 41 20.15 -24.48 -30.07
C SER A 41 19.53 -23.54 -31.08
N THR A 42 19.41 -24.07 -32.29
CA THR A 42 19.02 -23.30 -33.42
C THR A 42 17.77 -23.98 -34.01
N LYS A 43 17.49 -25.18 -33.50
CA LYS A 43 16.45 -26.08 -33.99
C LYS A 43 15.01 -25.59 -33.81
N GLU A 44 14.84 -24.66 -32.86
CA GLU A 44 13.54 -24.29 -32.33
C GLU A 44 12.76 -25.52 -31.82
N GLU A 45 13.46 -26.46 -31.17
CA GLU A 45 12.81 -27.60 -30.50
C GLU A 45 12.02 -27.06 -29.32
N ASP A 46 10.90 -27.70 -29.01
CA ASP A 46 10.17 -27.36 -27.83
C ASP A 46 11.01 -27.86 -26.63
N PHE A 47 10.80 -27.27 -25.44
CA PHE A 47 11.52 -27.68 -24.22
C PHE A 47 10.62 -27.32 -23.04
N ILE A 48 10.83 -28.00 -21.92
CA ILE A 48 10.03 -27.71 -20.81
C ILE A 48 10.56 -26.47 -20.02
N ASP A 49 9.65 -25.54 -19.69
CA ASP A 49 10.09 -24.43 -18.84
C ASP A 49 9.34 -24.27 -17.54
N GLN A 50 8.39 -25.17 -17.26
CA GLN A 50 7.71 -25.12 -15.98
C GLN A 50 7.57 -26.52 -15.51
N LEU A 51 7.80 -26.73 -14.22
CA LEU A 51 7.74 -28.06 -13.64
C LEU A 51 7.23 -27.91 -12.22
N TRP A 52 6.18 -28.63 -11.87
CA TRP A 52 5.64 -28.55 -10.52
C TRP A 52 5.39 -29.97 -10.01
N LEU A 53 5.72 -30.24 -8.76
CA LEU A 53 5.49 -31.50 -8.12
C LEU A 53 4.18 -31.37 -7.36
N VAL A 54 3.19 -32.23 -7.63
CA VAL A 54 1.89 -31.95 -7.08
C VAL A 54 1.22 -33.26 -6.84
N ASN A 55 0.12 -33.19 -6.12
CA ASN A 55 -0.77 -34.26 -5.93
C ASN A 55 -1.68 -34.32 -7.19
N THR A 56 -1.99 -35.53 -7.62
CA THR A 56 -2.94 -35.83 -8.71
C THR A 56 -4.33 -35.17 -8.57
N HIS A 57 -4.76 -34.91 -7.34
CA HIS A 57 -6.04 -34.25 -7.08
C HIS A 57 -5.91 -32.73 -7.04
N ASP A 58 -4.70 -32.19 -7.25
CA ASP A 58 -4.53 -30.74 -7.17
C ASP A 58 -5.14 -30.08 -8.42
N THR A 59 -5.18 -28.76 -8.42
CA THR A 59 -5.73 -27.99 -9.57
C THR A 59 -4.75 -26.93 -9.97
N LEU A 60 -4.65 -26.68 -11.29
CA LEU A 60 -3.83 -25.58 -11.74
C LEU A 60 -4.68 -24.36 -11.97
N LEU A 61 -4.39 -23.30 -11.22
CA LEU A 61 -5.20 -22.10 -11.26
C LEU A 61 -4.56 -21.30 -12.36
N THR A 62 -5.29 -21.03 -13.40
CA THR A 62 -4.67 -20.47 -14.58
C THR A 62 -5.24 -19.09 -14.99
N PHE A 63 -4.34 -18.14 -15.14
CA PHE A 63 -4.68 -16.74 -15.24
C PHE A 63 -4.35 -16.25 -16.60
N THR A 64 -5.22 -15.36 -17.07
CA THR A 64 -5.18 -14.85 -18.40
C THR A 64 -4.77 -13.35 -18.44
N SER A 65 -4.15 -12.94 -19.55
CA SER A 65 -4.05 -11.56 -20.09
C SER A 65 -5.19 -10.62 -19.71
N SER A 66 -6.40 -11.12 -19.90
CA SER A 66 -7.59 -10.31 -19.73
C SER A 66 -8.11 -10.33 -18.32
N GLY A 67 -7.33 -10.86 -17.38
CA GLY A 67 -7.78 -10.82 -15.98
C GLY A 67 -8.75 -11.89 -15.58
N LYS A 68 -8.81 -12.97 -16.35
CA LYS A 68 -9.63 -14.13 -16.03
C LYS A 68 -8.84 -15.31 -15.47
N VAL A 69 -9.55 -16.20 -14.79
CA VAL A 69 -8.96 -17.34 -14.12
C VAL A 69 -9.74 -18.55 -14.55
N PHE A 70 -9.03 -19.66 -14.76
CA PHE A 70 -9.66 -20.95 -15.11
C PHE A 70 -9.08 -21.98 -14.15
N TRP A 71 -9.71 -23.15 -14.10
CA TRP A 71 -9.28 -24.23 -13.20
C TRP A 71 -8.98 -25.43 -14.07
N LEU A 72 -7.74 -25.89 -13.95
CA LEU A 72 -7.34 -27.04 -14.69
C LEU A 72 -6.98 -28.20 -13.69
N PRO A 73 -7.93 -29.15 -13.48
CA PRO A 73 -7.66 -30.27 -12.59
C PRO A 73 -6.49 -31.07 -13.10
N VAL A 74 -5.48 -31.30 -12.24
CA VAL A 74 -4.24 -32.01 -12.67
C VAL A 74 -4.58 -33.39 -13.24
N HIS A 75 -5.61 -34.04 -12.70
CA HIS A 75 -5.98 -35.41 -13.14
C HIS A 75 -6.45 -35.45 -14.63
N GLN A 76 -6.91 -34.33 -15.16
CA GLN A 76 -7.34 -34.28 -16.59
C GLN A 76 -6.16 -34.30 -17.56
N LEU A 77 -4.97 -33.93 -17.09
CA LEU A 77 -3.81 -33.87 -17.96
C LEU A 77 -3.43 -35.28 -18.33
N PRO A 78 -2.87 -35.44 -19.52
CA PRO A 78 -2.52 -36.79 -19.96
C PRO A 78 -1.24 -37.24 -19.26
N GLU A 79 -1.17 -38.54 -19.03
CA GLU A 79 0.01 -39.17 -18.45
C GLU A 79 0.97 -39.50 -19.54
N ALA A 80 2.17 -38.96 -19.51
CA ALA A 80 3.11 -39.41 -20.53
C ALA A 80 4.53 -39.12 -20.19
N GLY A 81 5.40 -39.88 -20.85
CA GLY A 81 6.85 -39.78 -20.71
C GLY A 81 7.44 -38.57 -21.42
N SER A 82 8.76 -38.42 -21.26
CA SER A 82 9.56 -37.39 -21.94
C SER A 82 9.58 -37.59 -23.45
N ASN A 83 8.94 -38.66 -23.89
CA ASN A 83 8.89 -39.02 -25.30
C ASN A 83 7.63 -38.52 -26.03
N ALA A 84 6.59 -38.19 -25.27
CA ALA A 84 5.28 -37.82 -25.82
C ALA A 84 5.05 -36.39 -25.40
N ARG A 85 4.34 -35.59 -26.19
CA ARG A 85 4.32 -34.19 -25.80
C ARG A 85 3.15 -33.73 -24.91
N GLY A 86 2.08 -34.51 -24.83
CA GLY A 86 0.94 -34.10 -24.00
C GLY A 86 -0.05 -33.24 -24.78
N ARG A 87 -0.79 -32.37 -24.09
CA ARG A 87 -1.84 -31.63 -24.75
C ARG A 87 -1.65 -30.14 -24.48
N PRO A 88 -2.02 -29.31 -25.47
CA PRO A 88 -1.98 -27.86 -25.25
C PRO A 88 -2.74 -27.53 -23.99
N ILE A 89 -2.12 -26.78 -23.08
CA ILE A 89 -2.92 -26.28 -21.96
C ILE A 89 -4.13 -25.44 -22.41
N ILE A 90 -4.06 -24.82 -23.58
CA ILE A 90 -5.20 -24.02 -24.04
C ILE A 90 -6.41 -24.86 -24.42
N ASN A 91 -6.26 -26.20 -24.37
CA ASN A 91 -7.34 -27.16 -24.50
C ASN A 91 -8.32 -26.94 -23.38
N TRP A 92 -7.85 -26.32 -22.30
CA TRP A 92 -8.70 -25.99 -21.16
C TRP A 92 -8.96 -24.49 -20.96
N ILE A 93 -8.40 -23.63 -21.79
CA ILE A 93 -8.44 -22.18 -21.53
C ILE A 93 -8.95 -21.43 -22.79
N PRO A 94 -10.24 -21.17 -22.86
CA PRO A 94 -10.83 -20.45 -24.00
C PRO A 94 -10.27 -19.05 -24.15
N LEU A 95 -9.25 -18.83 -24.95
CA LEU A 95 -8.66 -17.52 -25.08
C LEU A 95 -9.37 -16.72 -26.18
N GLU A 96 -9.60 -15.43 -25.92
CA GLU A 96 -10.02 -14.55 -27.00
C GLU A 96 -8.82 -14.15 -27.84
N SER A 97 -9.10 -13.63 -29.04
CA SER A 97 -8.06 -13.22 -29.98
C SER A 97 -7.09 -12.24 -29.31
N GLY A 98 -5.79 -12.52 -29.45
CA GLY A 98 -4.78 -11.74 -28.76
C GLY A 98 -4.60 -11.98 -27.25
N GLU A 99 -5.50 -12.72 -26.58
CA GLU A 99 -5.40 -12.97 -25.14
C GLU A 99 -4.36 -14.07 -24.88
N ARG A 100 -3.65 -13.98 -23.73
CA ARG A 100 -2.51 -14.88 -23.43
C ARG A 100 -2.71 -15.61 -22.09
N VAL A 101 -2.18 -16.83 -21.97
CA VAL A 101 -2.00 -17.45 -20.65
C VAL A 101 -0.82 -16.75 -19.92
N GLN A 102 -1.05 -16.20 -18.71
CA GLN A 102 0.02 -15.43 -17.96
C GLN A 102 0.60 -16.13 -16.76
N ALA A 103 -0.17 -16.97 -16.10
CA ALA A 103 0.28 -17.62 -14.90
C ALA A 103 -0.48 -18.93 -14.71
N VAL A 104 0.25 -19.89 -14.18
CA VAL A 104 -0.31 -21.20 -13.88
C VAL A 104 0.12 -21.49 -12.43
N LEU A 105 -0.83 -21.50 -11.49
CA LEU A 105 -0.54 -21.68 -10.06
C LEU A 105 -1.16 -22.96 -9.48
N PRO A 106 -0.33 -23.92 -9.05
CA PRO A 106 -0.88 -25.14 -8.47
C PRO A 106 -1.56 -24.85 -7.18
N VAL A 107 -2.71 -25.44 -6.94
CA VAL A 107 -3.37 -25.24 -5.64
C VAL A 107 -3.90 -26.59 -5.21
N ARG A 108 -3.80 -26.85 -3.90
CA ARG A 108 -4.28 -28.10 -3.26
C ARG A 108 -5.57 -27.83 -2.52
N GLU A 109 -5.64 -26.68 -1.87
CA GLU A 109 -6.82 -26.24 -1.16
C GLU A 109 -6.81 -24.71 -1.10
N TYR A 110 -7.96 -24.15 -0.83
CA TYR A 110 -8.14 -22.73 -0.94
C TYR A 110 -8.16 -22.17 0.47
N ALA A 111 -7.02 -22.34 1.14
CA ALA A 111 -6.86 -22.03 2.55
C ALA A 111 -6.94 -20.52 2.76
N ASP A 112 -7.38 -20.10 3.94
CA ASP A 112 -7.15 -18.70 4.25
C ASP A 112 -5.76 -18.45 4.81
N ASN A 113 -5.42 -17.18 4.94
CA ASN A 113 -4.04 -16.81 5.13
C ASN A 113 -3.22 -17.17 3.88
N ARG A 114 -3.89 -17.53 2.77
CA ARG A 114 -3.22 -17.54 1.45
C ARG A 114 -3.89 -16.60 0.46
N TYR A 115 -3.06 -15.99 -0.39
CA TYR A 115 -3.53 -15.00 -1.32
C TYR A 115 -2.99 -15.23 -2.70
N VAL A 116 -3.75 -14.74 -3.67
CA VAL A 116 -3.29 -14.52 -5.01
C VAL A 116 -2.87 -13.02 -5.16
N PHE A 117 -1.64 -12.77 -5.57
CA PHE A 117 -1.19 -11.41 -5.75
C PHE A 117 -1.00 -11.17 -7.21
N MET A 118 -1.56 -10.07 -7.71
CA MET A 118 -1.68 -9.83 -9.15
C MET A 118 -0.99 -8.54 -9.52
N ALA A 119 -0.28 -8.52 -10.65
CA ALA A 119 0.30 -7.26 -11.11
C ALA A 119 -0.05 -7.00 -12.56
N THR A 120 -0.34 -5.73 -12.81
CA THR A 120 -0.91 -5.34 -14.04
C THR A 120 0.13 -4.57 -14.85
N ARG A 121 -0.04 -4.54 -16.15
CA ARG A 121 0.90 -3.89 -17.05
C ARG A 121 1.08 -2.39 -16.75
N ASN A 122 0.00 -1.72 -16.31
CA ASN A 122 0.02 -0.27 -16.05
C ASN A 122 0.49 0.08 -14.63
N GLY A 123 0.93 -0.88 -13.84
CA GLY A 123 1.51 -0.55 -12.55
C GLY A 123 0.57 -0.75 -11.36
N THR A 124 -0.59 -1.31 -11.64
CA THR A 124 -1.55 -1.64 -10.62
C THR A 124 -1.31 -3.06 -9.99
N VAL A 125 -1.66 -3.20 -8.70
CA VAL A 125 -1.57 -4.49 -8.03
C VAL A 125 -2.90 -4.81 -7.33
N LYS A 126 -3.11 -6.08 -7.00
CA LYS A 126 -4.18 -6.48 -6.11
C LYS A 126 -3.87 -7.73 -5.33
N LYS A 127 -4.41 -7.81 -4.10
CA LYS A 127 -4.29 -9.02 -3.33
C LYS A 127 -5.66 -9.58 -3.04
N THR A 128 -5.96 -10.79 -3.56
CA THR A 128 -7.18 -11.51 -3.27
C THR A 128 -6.97 -12.81 -2.45
N PRO A 129 -7.75 -12.99 -1.34
CA PRO A 129 -7.71 -14.28 -0.63
C PRO A 129 -7.91 -15.44 -1.61
N LEU A 130 -7.14 -16.51 -1.44
CA LEU A 130 -7.26 -17.68 -2.30
C LEU A 130 -8.64 -18.30 -2.21
N SER A 131 -9.20 -18.23 -1.01
CA SER A 131 -10.55 -18.71 -0.76
C SER A 131 -11.58 -18.12 -1.74
N GLU A 132 -11.32 -16.95 -2.31
CA GLU A 132 -12.26 -16.41 -3.29
C GLU A 132 -12.24 -17.22 -4.58
N PHE A 133 -11.27 -18.14 -4.70
CA PHE A 133 -11.10 -18.93 -5.93
C PHE A 133 -11.59 -20.38 -5.79
N ALA A 134 -12.37 -20.64 -4.76
CA ALA A 134 -12.67 -22.02 -4.37
C ALA A 134 -13.65 -22.77 -5.25
N PHE A 135 -14.52 -22.07 -5.99
CA PHE A 135 -15.59 -22.76 -6.73
C PHE A 135 -15.53 -22.57 -8.24
N ARG A 136 -15.06 -23.62 -8.93
CA ARG A 136 -14.66 -23.58 -10.32
C ARG A 136 -15.85 -23.43 -11.24
N LEU A 137 -15.60 -22.75 -12.36
CA LEU A 137 -16.56 -22.69 -13.45
C LEU A 137 -15.84 -22.92 -14.76
N ALA A 138 -16.38 -23.82 -15.57
CA ALA A 138 -15.75 -24.22 -16.85
C ALA A 138 -15.47 -23.04 -17.79
N ARG A 139 -16.32 -22.02 -17.68
CA ARG A 139 -16.24 -20.82 -18.52
C ARG A 139 -15.38 -19.72 -17.88
N GLY A 140 -14.80 -19.99 -16.72
CA GLY A 140 -13.89 -19.03 -16.09
C GLY A 140 -14.60 -18.02 -15.21
N LYS A 141 -13.82 -17.18 -14.54
CA LYS A 141 -14.33 -16.08 -13.70
C LYS A 141 -13.42 -14.89 -13.84
N ILE A 142 -13.91 -13.74 -13.41
CA ILE A 142 -13.11 -12.56 -13.27
C ILE A 142 -12.13 -12.80 -12.13
N ALA A 143 -10.87 -12.43 -12.36
CA ALA A 143 -9.86 -12.47 -11.28
C ALA A 143 -9.51 -11.05 -10.88
N ILE A 144 -9.57 -10.13 -11.85
CA ILE A 144 -9.30 -8.72 -11.63
C ILE A 144 -10.02 -7.91 -12.72
N ASN A 145 -10.60 -6.76 -12.37
CA ASN A 145 -11.21 -5.89 -13.37
C ASN A 145 -10.16 -4.97 -13.93
N LEU A 146 -9.97 -4.98 -15.23
CA LEU A 146 -8.91 -4.21 -15.82
C LEU A 146 -9.43 -2.88 -16.43
N ASP A 147 -8.66 -1.82 -16.23
CA ASP A 147 -8.88 -0.57 -16.94
C ASP A 147 -8.57 -0.79 -18.39
N GLU A 148 -9.13 0.09 -19.22
CA GLU A 148 -9.08 -0.06 -20.66
C GLU A 148 -7.63 0.01 -21.13
N GLY A 149 -7.25 -0.92 -22.00
CA GLY A 149 -5.85 -1.02 -22.42
C GLY A 149 -4.92 -1.65 -21.38
N ASP A 150 -5.41 -1.91 -20.16
CA ASP A 150 -4.53 -2.61 -19.23
C ASP A 150 -4.52 -4.14 -19.49
N ALA A 151 -3.45 -4.79 -19.06
CA ALA A 151 -3.35 -6.26 -19.07
C ALA A 151 -2.80 -6.85 -17.77
N LEU A 152 -3.21 -8.08 -17.49
CA LEU A 152 -2.68 -8.81 -16.34
C LEU A 152 -1.33 -9.34 -16.76
N VAL A 153 -0.31 -8.98 -16.00
CA VAL A 153 1.06 -9.44 -16.31
C VAL A 153 1.58 -10.51 -15.36
N GLY A 154 1.48 -10.36 -14.05
CA GLY A 154 2.12 -11.30 -13.14
C GLY A 154 1.13 -11.80 -12.13
N VAL A 155 1.22 -13.10 -11.79
CA VAL A 155 0.41 -13.59 -10.70
C VAL A 155 1.25 -14.48 -9.82
N ALA A 156 1.11 -14.40 -8.49
CA ALA A 156 1.87 -15.29 -7.58
C ALA A 156 1.09 -15.65 -6.32
N LEU A 157 1.37 -16.82 -5.75
CA LEU A 157 0.71 -17.14 -4.46
C LEU A 157 1.56 -16.59 -3.31
N THR A 158 0.89 -16.12 -2.27
CA THR A 158 1.60 -15.55 -1.14
C THR A 158 0.98 -16.06 0.14
N ASP A 159 1.75 -16.01 1.23
CA ASP A 159 1.25 -16.33 2.57
C ASP A 159 0.95 -15.11 3.44
N GLY A 160 1.07 -13.90 2.88
CA GLY A 160 0.85 -12.72 3.72
C GLY A 160 2.13 -12.07 4.20
N ASP A 161 3.23 -12.84 4.24
CA ASP A 161 4.54 -12.37 4.71
C ASP A 161 5.50 -11.90 3.62
N ARG A 162 5.07 -11.84 2.37
CA ARG A 162 6.07 -11.62 1.31
C ARG A 162 6.36 -10.14 1.04
N ASP A 163 7.56 -9.86 0.54
CA ASP A 163 7.83 -8.59 -0.12
C ASP A 163 7.43 -8.80 -1.56
N VAL A 164 6.93 -7.74 -2.19
CA VAL A 164 6.66 -7.76 -3.63
C VAL A 164 7.57 -6.77 -4.29
N LEU A 165 8.09 -7.17 -5.46
CA LEU A 165 8.87 -6.28 -6.30
C LEU A 165 8.24 -6.19 -7.66
N LEU A 166 8.15 -4.99 -8.18
CA LEU A 166 7.62 -4.76 -9.53
C LEU A 166 8.73 -4.18 -10.38
N PHE A 167 8.81 -4.62 -11.62
CA PHE A 167 9.87 -4.18 -12.53
C PHE A 167 9.24 -3.69 -13.80
N ALA A 168 9.63 -2.47 -14.17
CA ALA A 168 9.18 -1.83 -15.36
C ALA A 168 10.21 -1.99 -16.48
N SER A 169 9.77 -1.70 -17.71
CA SER A 169 10.60 -1.78 -18.90
C SER A 169 11.82 -0.84 -18.96
N ASN A 170 11.80 0.27 -18.20
CA ASN A 170 13.00 1.14 -18.11
C ASN A 170 13.87 0.74 -16.93
N GLY A 171 13.61 -0.43 -16.36
CA GLY A 171 14.47 -0.93 -15.30
C GLY A 171 14.06 -0.54 -13.89
N LYS A 172 13.07 0.34 -13.75
CA LYS A 172 12.67 0.83 -12.43
C LYS A 172 11.92 -0.24 -11.59
N THR A 173 12.21 -0.28 -10.30
CA THR A 173 11.68 -1.32 -9.45
C THR A 173 11.33 -0.78 -8.07
N VAL A 174 10.16 -1.20 -7.56
CA VAL A 174 9.76 -0.95 -6.19
C VAL A 174 9.78 -2.25 -5.45
N ARG A 175 9.77 -2.12 -4.13
CA ARG A 175 9.75 -3.26 -3.27
C ARG A 175 9.05 -2.89 -1.99
N PHE A 176 8.00 -3.64 -1.65
CA PHE A 176 7.13 -3.28 -0.54
C PHE A 176 6.54 -4.52 0.04
N GLY A 177 6.03 -4.42 1.28
CA GLY A 177 5.44 -5.55 1.97
C GLY A 177 4.07 -5.82 1.41
N GLU A 178 3.71 -7.09 1.29
CA GLU A 178 2.39 -7.48 0.79
C GLU A 178 1.25 -7.05 1.75
N SER A 179 1.54 -6.97 3.05
CA SER A 179 0.58 -6.45 4.04
C SER A 179 0.11 -5.01 3.75
N THR A 180 0.82 -4.35 2.85
CA THR A 180 0.61 -2.95 2.45
C THR A 180 -0.62 -2.86 1.53
N VAL A 181 -1.04 -3.99 0.96
CA VAL A 181 -2.12 -4.04 -0.02
C VAL A 181 -3.25 -4.79 0.68
N ARG A 182 -4.30 -4.07 1.06
CA ARG A 182 -5.41 -4.74 1.72
C ARG A 182 -6.09 -5.74 0.78
N SER A 183 -6.65 -6.81 1.35
CA SER A 183 -7.36 -7.84 0.57
C SER A 183 -8.54 -7.20 -0.13
N MET A 184 -8.79 -7.57 -1.38
CA MET A 184 -9.97 -7.15 -2.13
C MET A 184 -10.53 -8.39 -2.87
N GLY A 185 -11.77 -8.31 -3.35
CA GLY A 185 -12.42 -9.40 -4.09
C GLY A 185 -11.98 -9.55 -5.55
N ARG A 186 -12.36 -10.64 -6.18
CA ARG A 186 -12.01 -10.90 -7.59
C ARG A 186 -12.52 -9.80 -8.55
N THR A 187 -13.59 -9.14 -8.16
CA THR A 187 -14.19 -8.13 -9.04
C THR A 187 -13.50 -6.74 -8.98
N ALA A 188 -12.76 -6.48 -7.91
CA ALA A 188 -12.05 -5.21 -7.73
C ALA A 188 -10.97 -4.95 -8.80
N THR A 189 -10.61 -3.67 -8.98
CA THR A 189 -9.52 -3.19 -9.81
C THR A 189 -8.13 -3.19 -9.13
N GLY A 190 -8.08 -3.21 -7.82
CA GLY A 190 -6.75 -3.06 -7.18
C GLY A 190 -6.25 -1.61 -7.13
N VAL A 191 -4.99 -1.43 -6.74
CA VAL A 191 -4.51 -0.18 -6.17
C VAL A 191 -3.17 0.14 -6.81
N ARG A 192 -2.59 1.28 -6.44
CA ARG A 192 -1.29 1.70 -6.96
C ARG A 192 -0.20 0.68 -6.59
N GLY A 193 0.72 0.45 -7.52
CA GLY A 193 1.90 -0.37 -7.30
C GLY A 193 3.19 0.39 -7.61
N ILE A 194 3.38 0.75 -8.88
CA ILE A 194 4.53 1.51 -9.31
C ILE A 194 4.08 2.69 -10.19
N ARG A 195 4.62 3.88 -9.95
CA ARG A 195 4.30 4.98 -10.86
C ARG A 195 5.20 4.87 -12.10
N LEU A 196 4.57 4.63 -13.24
CA LEU A 196 5.29 4.39 -14.47
C LEU A 196 5.66 5.68 -15.18
N ALA A 197 6.90 5.76 -15.67
CA ALA A 197 7.28 6.78 -16.65
C ALA A 197 6.48 6.54 -17.92
N LYS A 198 6.25 7.62 -18.64
CA LYS A 198 5.43 7.65 -19.85
C LYS A 198 5.91 6.62 -20.87
N GLY A 199 4.96 5.90 -21.46
CA GLY A 199 5.26 4.86 -22.45
C GLY A 199 5.85 3.56 -21.91
N GLU A 200 6.21 3.50 -20.62
CA GLU A 200 6.75 2.27 -20.00
C GLU A 200 5.65 1.40 -19.40
N GLU A 201 6.02 0.17 -19.05
CA GLU A 201 5.06 -0.81 -18.49
C GLU A 201 5.72 -1.68 -17.45
N VAL A 202 4.90 -2.32 -16.61
CA VAL A 202 5.39 -3.38 -15.73
C VAL A 202 5.69 -4.65 -16.55
N VAL A 203 6.85 -5.23 -16.30
CA VAL A 203 7.27 -6.40 -17.00
C VAL A 203 7.33 -7.62 -16.07
N SER A 204 7.63 -7.44 -14.80
CA SER A 204 7.69 -8.64 -13.94
C SER A 204 7.25 -8.36 -12.54
N LEU A 205 6.62 -9.37 -11.96
CA LEU A 205 6.32 -9.45 -10.58
C LEU A 205 7.29 -10.46 -9.96
N ILE A 206 7.88 -10.09 -8.84
CA ILE A 206 8.62 -11.01 -8.01
C ILE A 206 8.09 -10.98 -6.59
N VAL A 207 7.83 -12.14 -6.02
CA VAL A 207 7.44 -12.26 -4.64
C VAL A 207 8.63 -12.87 -3.92
N SER A 208 8.98 -12.33 -2.76
CA SER A 208 10.19 -12.80 -2.04
C SER A 208 10.01 -12.70 -0.52
N GLU A 209 11.06 -13.02 0.26
CA GLU A 209 10.99 -12.83 1.75
C GLU A 209 11.05 -11.35 2.19
N ARG A 210 10.66 -11.02 3.44
CA ARG A 210 10.83 -9.64 3.99
C ARG A 210 12.32 -9.30 3.94
N ALA A 211 12.66 -8.06 3.59
CA ALA A 211 14.06 -7.53 3.67
C ALA A 211 14.61 -7.60 5.10
N ALA A 247 20.16 -15.71 -2.58
CA ALA A 247 19.05 -15.46 -3.52
C ALA A 247 19.39 -14.31 -4.45
N TYR A 248 19.37 -14.56 -5.74
CA TYR A 248 19.71 -13.54 -6.72
C TYR A 248 18.50 -13.24 -7.61
N ILE A 249 18.45 -12.01 -8.12
CA ILE A 249 17.46 -11.63 -9.07
C ILE A 249 18.14 -11.47 -10.42
N LEU A 250 17.69 -12.24 -11.42
CA LEU A 250 18.19 -12.11 -12.78
C LEU A 250 17.37 -11.05 -13.54
N THR A 251 18.04 -10.08 -14.14
CA THR A 251 17.40 -9.15 -15.04
C THR A 251 18.04 -9.35 -16.39
N ALA A 252 17.26 -9.20 -17.46
CA ALA A 252 17.77 -9.35 -18.80
C ALA A 252 17.05 -8.41 -19.72
N THR A 253 17.71 -8.05 -20.81
CA THR A 253 17.41 -6.84 -21.51
C THR A 253 17.15 -7.20 -22.99
N GLU A 254 16.47 -6.37 -23.75
CA GLU A 254 16.06 -6.77 -25.07
C GLU A 254 17.24 -6.99 -26.07
N ASN A 255 18.38 -6.35 -25.80
CA ASN A 255 19.53 -6.52 -26.68
C ASN A 255 20.49 -7.58 -26.13
N GLY A 256 20.01 -8.38 -25.18
CA GLY A 256 20.75 -9.56 -24.76
C GLY A 256 21.71 -9.37 -23.62
N TYR A 257 21.55 -8.26 -22.88
CA TYR A 257 22.36 -7.97 -21.71
C TYR A 257 21.64 -8.29 -20.39
N GLY A 258 22.39 -8.42 -19.30
CA GLY A 258 21.80 -8.88 -18.07
C GLY A 258 22.81 -9.20 -17.00
N LYS A 259 22.30 -9.66 -15.85
CA LYS A 259 23.12 -9.94 -14.67
C LYS A 259 22.34 -10.62 -13.57
N ARG A 260 23.04 -11.20 -12.60
CA ARG A 260 22.41 -11.55 -11.32
C ARG A 260 22.86 -10.50 -10.27
N THR A 261 21.92 -10.06 -9.44
CA THR A 261 22.21 -9.16 -8.30
C THR A 261 21.48 -9.78 -7.10
N PRO A 262 22.15 -9.85 -5.93
CA PRO A 262 21.49 -10.45 -4.77
C PRO A 262 20.18 -9.73 -4.40
N LEU A 263 19.18 -10.48 -3.95
CA LEU A 263 17.91 -9.93 -3.49
C LEU A 263 18.15 -8.77 -2.50
N ALA A 264 18.99 -9.07 -1.52
CA ALA A 264 19.35 -8.17 -0.42
C ALA A 264 19.86 -6.81 -0.88
N GLU A 265 20.20 -6.68 -2.13
CA GLU A 265 20.63 -5.40 -2.65
C GLU A 265 19.50 -4.55 -3.26
N TYR A 266 18.27 -5.03 -3.15
CA TYR A 266 17.10 -4.27 -3.62
C TYR A 266 16.49 -3.71 -2.34
N PRO A 267 16.58 -2.37 -2.10
CA PRO A 267 16.04 -1.83 -0.86
C PRO A 267 14.50 -1.70 -0.91
N ARG A 268 13.85 -1.70 0.26
CA ARG A 268 12.47 -1.30 0.33
C ARG A 268 12.32 0.04 -0.43
N LYS A 269 11.35 0.12 -1.33
CA LYS A 269 11.07 1.33 -2.14
C LYS A 269 9.55 1.33 -2.29
N GLY A 270 8.91 2.43 -1.91
CA GLY A 270 7.52 2.42 -1.46
C GLY A 270 6.58 2.02 -2.57
N ARG A 271 5.47 1.41 -2.22
CA ARG A 271 4.35 1.29 -3.16
C ARG A 271 3.91 2.69 -3.68
N GLY A 272 3.59 2.81 -4.98
CA GLY A 272 3.18 4.07 -5.57
C GLY A 272 4.31 4.99 -6.09
N THR A 273 5.50 4.66 -5.67
CA THR A 273 6.69 5.43 -5.93
C THR A 273 7.14 5.10 -7.37
N GLN A 274 8.08 5.87 -7.90
CA GLN A 274 8.66 5.59 -9.22
C GLN A 274 9.70 4.47 -9.22
N GLY A 275 10.09 3.99 -8.04
CA GLY A 275 11.08 2.93 -7.90
C GLY A 275 12.52 3.41 -8.04
N VAL A 276 13.46 2.54 -7.70
CA VAL A 276 14.88 2.74 -7.96
C VAL A 276 15.31 1.93 -9.18
N ILE A 277 16.51 2.20 -9.68
CA ILE A 277 17.07 1.46 -10.83
C ILE A 277 17.41 0.05 -10.38
N GLY A 278 16.74 -0.93 -11.00
CA GLY A 278 16.97 -2.36 -10.78
C GLY A 278 17.99 -2.91 -11.77
N ILE A 279 18.10 -2.25 -12.93
CA ILE A 279 19.12 -2.44 -13.98
C ILE A 279 19.06 -1.25 -14.94
N GLN A 280 20.22 -0.81 -15.45
CA GLN A 280 20.24 0.31 -16.39
C GLN A 280 19.69 -0.12 -17.73
N THR A 281 18.88 0.73 -18.30
CA THR A 281 18.21 0.43 -19.52
C THR A 281 18.81 1.32 -20.59
N THR A 282 20.16 1.36 -20.60
CA THR A 282 20.95 2.19 -21.53
C THR A 282 20.62 1.84 -22.96
N GLU A 283 20.98 2.76 -23.86
CA GLU A 283 20.83 2.57 -25.30
C GLU A 283 21.42 1.23 -25.77
N ARG A 284 22.61 0.87 -25.29
CA ARG A 284 23.15 -0.46 -25.55
C ARG A 284 22.08 -1.51 -25.16
N ASN A 285 21.79 -1.59 -23.86
CA ASN A 285 20.87 -2.61 -23.31
C ASN A 285 19.50 -2.71 -23.97
N GLY A 286 18.87 -1.59 -24.28
CA GLY A 286 17.44 -1.60 -24.57
C GLY A 286 16.59 -1.99 -23.33
N LYS A 287 15.27 -2.08 -23.53
CA LYS A 287 14.30 -2.29 -22.43
C LYS A 287 14.50 -3.59 -21.67
N LEU A 288 13.97 -3.63 -20.46
CA LEU A 288 14.05 -4.82 -19.66
C LEU A 288 13.03 -5.81 -20.22
N VAL A 289 13.47 -7.02 -20.49
CA VAL A 289 12.59 -8.10 -20.90
C VAL A 289 12.00 -8.82 -19.72
N ARG A 290 12.81 -9.16 -18.74
CA ARG A 290 12.28 -9.82 -17.58
C ARG A 290 13.18 -9.68 -16.38
N ALA A 291 12.60 -9.70 -15.19
CA ALA A 291 13.29 -9.85 -13.92
C ALA A 291 12.70 -11.11 -13.27
N VAL A 292 13.57 -11.97 -12.77
CA VAL A 292 13.13 -13.20 -12.19
C VAL A 292 14.00 -13.59 -11.01
N LEU A 293 13.38 -14.13 -9.98
CA LEU A 293 14.08 -14.59 -8.80
C LEU A 293 14.60 -16.02 -9.00
N LEU A 294 15.91 -16.23 -8.89
CA LEU A 294 16.46 -17.58 -9.17
C LEU A 294 16.60 -18.40 -7.90
N GLY A 295 16.16 -19.67 -7.94
CA GLY A 295 16.56 -20.65 -6.91
C GLY A 295 18.04 -20.95 -7.08
N SER A 296 18.66 -21.67 -6.15
CA SER A 296 20.14 -21.84 -6.19
C SER A 296 20.63 -22.76 -7.33
N THR A 297 19.82 -23.75 -7.66
CA THR A 297 20.20 -24.71 -8.68
C THR A 297 19.53 -24.48 -10.04
N ASP A 298 18.84 -23.34 -10.22
CA ASP A 298 18.03 -23.12 -11.43
C ASP A 298 18.82 -23.16 -12.74
N GLU A 299 18.27 -23.86 -13.74
CA GLU A 299 18.64 -23.63 -15.13
C GLU A 299 17.97 -22.34 -15.64
N VAL A 300 18.63 -21.57 -16.48
CA VAL A 300 17.92 -20.49 -17.15
C VAL A 300 17.97 -20.63 -18.65
N MET A 301 16.91 -20.20 -19.31
CA MET A 301 16.93 -20.22 -20.75
C MET A 301 16.60 -18.89 -21.30
N LEU A 302 17.31 -18.53 -22.36
CA LEU A 302 17.15 -17.24 -22.99
C LEU A 302 16.75 -17.51 -24.43
N ILE A 303 15.63 -16.93 -24.87
CA ILE A 303 15.04 -17.21 -26.18
C ILE A 303 14.90 -15.95 -27.00
N SER A 304 15.48 -15.95 -28.21
CA SER A 304 15.43 -14.78 -29.07
C SER A 304 14.19 -14.85 -29.91
N ASP A 305 13.95 -13.78 -30.66
CA ASP A 305 12.80 -13.73 -31.54
C ASP A 305 13.13 -14.34 -32.90
N GLY A 306 14.37 -14.81 -33.06
CA GLY A 306 14.76 -15.63 -34.20
C GLY A 306 14.82 -17.12 -33.84
N GLY A 307 14.41 -17.47 -32.63
CA GLY A 307 14.40 -18.87 -32.20
C GLY A 307 15.74 -19.43 -31.74
N THR A 308 16.69 -18.55 -31.47
CA THR A 308 17.91 -18.96 -30.81
C THR A 308 17.66 -19.23 -29.33
N LEU A 309 18.14 -20.36 -28.85
CA LEU A 309 17.99 -20.72 -27.46
C LEU A 309 19.34 -20.96 -26.81
N VAL A 310 19.64 -20.27 -25.70
CA VAL A 310 20.71 -20.70 -24.80
C VAL A 310 20.22 -21.17 -23.44
N ARG A 311 20.76 -22.29 -22.96
CA ARG A 311 20.59 -22.79 -21.60
C ARG A 311 21.88 -22.69 -20.83
N THR A 312 21.83 -22.19 -19.61
CA THR A 312 22.91 -22.32 -18.62
C THR A 312 22.34 -22.53 -17.25
N ARG A 313 23.19 -22.95 -16.30
CA ARG A 313 22.79 -22.88 -14.89
C ARG A 313 22.84 -21.42 -14.47
N GLY A 314 21.96 -21.02 -13.55
CA GLY A 314 21.92 -19.63 -13.05
C GLY A 314 23.23 -19.23 -12.42
N SER A 315 23.83 -20.17 -11.70
CA SER A 315 25.13 -19.96 -11.07
C SER A 315 26.30 -19.78 -12.05
N GLU A 316 26.04 -19.78 -13.36
CA GLU A 316 27.05 -19.43 -14.33
C GLU A 316 26.94 -17.99 -14.79
N ILE A 317 25.93 -17.25 -14.29
CA ILE A 317 25.69 -15.86 -14.77
C ILE A 317 26.35 -14.82 -13.88
N SER A 318 26.99 -13.83 -14.50
CA SER A 318 27.83 -12.89 -13.76
C SER A 318 27.00 -12.13 -12.70
N ARG A 319 27.54 -12.05 -11.50
CA ARG A 319 26.96 -11.24 -10.45
C ARG A 319 27.56 -9.84 -10.45
N VAL A 320 26.70 -8.85 -10.66
CA VAL A 320 27.04 -7.41 -10.59
C VAL A 320 26.04 -6.71 -9.61
N GLY A 321 26.22 -5.41 -9.35
CA GLY A 321 25.32 -4.62 -8.47
C GLY A 321 24.09 -4.15 -9.25
N ARG A 322 23.06 -3.67 -8.55
CA ARG A 322 21.80 -3.38 -9.26
C ARG A 322 21.85 -2.20 -10.21
N ASN A 323 22.49 -1.10 -9.82
CA ASN A 323 22.51 0.08 -10.67
C ASN A 323 23.64 0.03 -11.71
N THR A 324 23.52 -0.92 -12.64
CA THR A 324 24.58 -1.31 -13.55
C THR A 324 23.95 -1.67 -14.90
N GLN A 325 24.78 -1.86 -15.92
CA GLN A 325 24.37 -2.22 -17.28
C GLN A 325 24.33 -3.71 -17.47
N GLY A 326 25.00 -4.44 -16.60
CA GLY A 326 25.15 -5.89 -16.73
C GLY A 326 26.14 -6.31 -17.81
N VAL A 327 26.15 -7.61 -18.10
CA VAL A 327 27.05 -8.25 -19.06
C VAL A 327 26.22 -8.90 -20.20
N THR A 328 26.87 -9.15 -21.34
CA THR A 328 26.29 -9.97 -22.41
C THR A 328 25.94 -11.31 -21.82
N LEU A 329 24.72 -11.80 -22.02
CA LEU A 329 24.65 -13.27 -22.00
C LEU A 329 23.99 -13.99 -23.16
N ILE A 330 23.61 -13.23 -24.18
CA ILE A 330 23.25 -13.80 -25.46
C ILE A 330 23.69 -12.75 -26.47
N ARG A 331 24.43 -13.20 -27.48
CA ARG A 331 24.92 -12.38 -28.58
C ARG A 331 23.94 -12.49 -29.75
N LEU A 332 23.28 -11.38 -30.08
CA LEU A 332 22.20 -11.41 -31.05
C LEU A 332 22.67 -10.85 -32.37
N SER A 333 22.06 -11.30 -33.46
CA SER A 333 22.36 -10.72 -34.77
C SER A 333 21.43 -9.55 -35.10
N LYS A 334 21.50 -9.10 -36.35
CA LYS A 334 20.84 -7.87 -36.78
C LYS A 334 19.34 -8.06 -36.68
N GLY A 335 18.64 -7.04 -36.19
CA GLY A 335 17.21 -7.14 -35.90
C GLY A 335 16.79 -8.42 -35.18
N GLU A 336 17.63 -8.90 -34.25
CA GLU A 336 17.27 -10.05 -33.42
C GLU A 336 17.25 -9.56 -31.96
N LYS A 337 16.16 -9.83 -31.25
CA LYS A 337 16.02 -9.42 -29.85
C LYS A 337 15.80 -10.61 -28.92
N LEU A 338 16.21 -10.45 -27.66
CA LEU A 338 15.80 -11.39 -26.60
C LEU A 338 14.27 -11.24 -26.41
N GLN A 339 13.53 -12.32 -26.65
CA GLN A 339 12.08 -12.38 -26.55
C GLN A 339 11.64 -12.82 -25.15
N ALA A 340 12.41 -13.73 -24.54
CA ALA A 340 11.93 -14.37 -23.29
C ALA A 340 13.02 -15.02 -22.52
N VAL A 341 12.79 -15.07 -21.22
CA VAL A 341 13.68 -15.58 -20.24
C VAL A 341 12.87 -16.53 -19.36
N GLU A 342 13.31 -17.77 -19.31
CA GLU A 342 12.65 -18.82 -18.57
C GLU A 342 13.67 -19.40 -17.61
N ARG A 343 13.18 -20.21 -16.71
CA ARG A 343 13.84 -20.53 -15.50
C ARG A 343 13.33 -21.96 -15.26
N LEU A 344 14.18 -22.86 -14.81
CA LEU A 344 13.72 -24.20 -14.43
C LEU A 344 14.40 -24.72 -13.16
N ASP A 345 13.61 -25.11 -12.20
CA ASP A 345 14.12 -25.94 -11.11
C ASP A 345 13.72 -27.40 -11.37
N ALA A 346 14.67 -28.24 -11.76
CA ALA A 346 14.35 -29.65 -12.00
C ALA A 346 14.77 -30.56 -10.83
N SER A 347 14.94 -29.98 -9.66
CA SER A 347 15.68 -30.65 -8.58
C SER A 347 14.84 -31.56 -7.67
N LEU A 348 13.73 -31.03 -7.14
CA LEU A 348 13.21 -31.47 -5.84
C LEU A 348 11.67 -31.62 -5.85
N MET B 1 14.58 50.74 27.68
CA MET B 1 15.29 49.74 26.87
C MET B 1 14.79 49.81 25.42
N ASP B 2 15.71 49.79 24.45
CA ASP B 2 15.32 49.62 23.07
C ASP B 2 15.38 48.13 22.69
N LEU B 3 14.23 47.46 22.74
CA LEU B 3 14.12 46.01 22.40
C LEU B 3 13.61 45.85 20.98
N ILE B 4 14.23 44.96 20.21
CA ILE B 4 13.90 44.80 18.79
C ILE B 4 13.23 43.45 18.49
N ALA B 5 13.12 42.56 19.47
CA ALA B 5 12.52 41.23 19.24
C ALA B 5 11.07 41.38 18.74
N PRO B 6 10.72 40.73 17.62
CA PRO B 6 9.31 40.93 17.20
C PRO B 6 8.34 40.10 18.03
N GLU B 7 7.21 40.70 18.37
CA GLU B 7 6.21 40.03 19.16
C GLU B 7 5.57 38.83 18.42
N ASP B 8 5.39 37.73 19.14
CA ASP B 8 4.73 36.55 18.59
C ASP B 8 3.24 36.84 18.34
N VAL B 9 2.64 35.99 17.53
CA VAL B 9 1.26 36.18 17.14
C VAL B 9 0.43 34.98 17.54
N VAL B 10 -0.80 35.19 17.98
CA VAL B 10 -1.80 34.12 18.17
C VAL B 10 -2.58 33.93 16.85
N VAL B 11 -2.42 32.78 16.23
CA VAL B 11 -3.22 32.48 15.08
C VAL B 11 -4.36 31.65 15.59
N THR B 12 -5.60 32.03 15.25
CA THR B 12 -6.75 31.12 15.47
C THR B 12 -7.48 30.61 14.23
N LEU B 13 -8.14 29.46 14.40
CA LEU B 13 -8.94 28.87 13.34
C LEU B 13 -10.28 28.56 14.00
N SER B 14 -11.37 29.07 13.43
CA SER B 14 -12.69 28.72 13.91
C SER B 14 -13.21 27.41 13.29
N HIS B 15 -14.24 26.85 13.92
CA HIS B 15 -14.84 25.60 13.48
C HIS B 15 -15.39 25.76 12.06
N ALA B 16 -16.02 26.92 11.79
CA ALA B 16 -16.48 27.27 10.44
C ALA B 16 -15.33 27.42 9.43
N GLY B 17 -14.12 27.69 9.93
CA GLY B 17 -12.95 27.76 9.09
C GLY B 17 -12.39 29.16 8.84
N TYR B 18 -12.77 30.13 9.68
CA TYR B 18 -12.16 31.48 9.68
C TYR B 18 -10.83 31.53 10.40
N ALA B 19 -9.87 32.19 9.78
CA ALA B 19 -8.53 32.26 10.35
C ALA B 19 -8.15 33.73 10.51
N LYS B 20 -7.36 33.99 11.54
CA LYS B 20 -6.86 35.35 11.76
C LYS B 20 -5.70 35.30 12.74
N ARG B 21 -4.98 36.43 12.81
CA ARG B 21 -3.83 36.58 13.68
C ARG B 21 -3.94 37.85 14.55
N GLN B 22 -3.31 37.78 15.72
CA GLN B 22 -3.28 38.91 16.61
C GLN B 22 -2.00 38.88 17.44
N PRO B 23 -1.31 40.04 17.59
CA PRO B 23 -0.15 40.06 18.51
C PRO B 23 -0.59 39.48 19.85
N VAL B 24 0.23 38.64 20.48
CA VAL B 24 -0.24 37.94 21.67
C VAL B 24 -0.50 38.90 22.83
N SER B 25 0.22 40.01 22.95
CA SER B 25 -0.10 40.92 24.08
C SER B 25 -1.49 41.49 23.97
N ALA B 26 -1.95 41.77 22.74
CA ALA B 26 -3.31 42.29 22.57
C ALA B 26 -4.28 41.17 22.86
N TYR B 27 -3.95 39.96 22.43
CA TYR B 27 -4.84 38.84 22.72
C TYR B 27 -4.95 38.56 24.25
N ARG B 28 -3.84 38.61 24.99
CA ARG B 28 -3.88 38.45 26.43
C ARG B 28 -4.62 39.61 27.09
N ALA B 29 -4.46 40.81 26.54
CA ALA B 29 -4.97 42.02 27.18
C ALA B 29 -6.49 42.21 27.01
N GLN B 30 -7.07 41.64 25.96
CA GLN B 30 -8.46 41.93 25.66
C GLN B 30 -9.35 40.70 25.76
N ARG B 31 -9.89 40.44 26.94
CA ARG B 31 -10.84 39.33 27.16
C ARG B 31 -12.30 39.73 26.88
N SER B 38 -13.59 34.95 18.38
CA SER B 38 -14.58 34.21 17.53
C SER B 38 -15.48 35.11 16.65
N ALA B 39 -16.38 35.87 17.31
CA ALA B 39 -17.13 36.97 16.70
C ALA B 39 -18.39 36.61 15.91
N ALA B 40 -18.73 35.33 15.79
CA ALA B 40 -19.94 34.98 15.06
C ALA B 40 -21.20 35.16 15.93
N SER B 41 -22.34 35.44 15.31
CA SER B 41 -23.59 35.34 16.06
C SER B 41 -23.76 33.90 16.56
N THR B 42 -24.47 33.75 17.69
CA THR B 42 -24.67 32.47 18.31
C THR B 42 -25.25 31.46 17.33
N LYS B 43 -26.16 31.94 16.50
CA LYS B 43 -26.85 31.11 15.54
C LYS B 43 -25.89 30.47 14.52
N GLU B 44 -24.71 31.06 14.33
CA GLU B 44 -23.72 30.48 13.41
C GLU B 44 -23.03 29.28 14.04
N GLU B 45 -23.21 29.12 15.35
CA GLU B 45 -22.54 28.07 16.12
C GLU B 45 -21.05 27.88 15.76
N ASP B 46 -20.33 29.00 15.64
CA ASP B 46 -18.91 28.98 15.35
C ASP B 46 -18.17 29.20 16.65
N PHE B 47 -16.98 28.65 16.73
CA PHE B 47 -16.20 28.85 17.96
C PHE B 47 -14.76 28.65 17.52
N ILE B 48 -13.80 29.05 18.33
CA ILE B 48 -12.39 28.86 18.01
C ILE B 48 -12.03 27.44 18.37
N ASP B 49 -11.48 26.70 17.45
CA ASP B 49 -11.08 25.40 17.84
C ASP B 49 -9.67 25.01 17.59
N GLN B 50 -8.86 25.99 17.18
CA GLN B 50 -7.43 25.83 17.06
C GLN B 50 -6.78 27.14 17.42
N LEU B 51 -5.70 27.07 18.18
CA LEU B 51 -4.99 28.27 18.59
C LEU B 51 -3.49 27.96 18.66
N TRP B 52 -2.68 28.69 17.91
CA TRP B 52 -1.24 28.48 17.92
C TRP B 52 -0.51 29.81 18.18
N LEU B 53 0.55 29.72 18.97
CA LEU B 53 1.40 30.87 19.24
C LEU B 53 2.62 30.74 18.34
N VAL B 54 2.80 31.66 17.41
CA VAL B 54 3.78 31.45 16.41
C VAL B 54 4.45 32.79 16.10
N ASN B 55 5.57 32.70 15.39
CA ASN B 55 6.29 33.83 14.84
C ASN B 55 5.57 34.25 13.52
N THR B 56 5.42 35.54 13.26
CA THR B 56 4.73 36.00 12.00
C THR B 56 5.37 35.47 10.71
N HIS B 57 6.62 35.01 10.79
CA HIS B 57 7.32 34.42 9.61
C HIS B 57 7.10 32.91 9.49
N ASP B 58 6.39 32.33 10.44
CA ASP B 58 6.12 30.90 10.35
C ASP B 58 5.17 30.57 9.18
N THR B 59 4.98 29.28 8.92
CA THR B 59 4.14 28.86 7.81
C THR B 59 3.13 27.88 8.39
N LEU B 60 1.89 27.92 7.92
CA LEU B 60 0.93 26.87 8.28
C LEU B 60 0.94 25.81 7.18
N LEU B 61 1.43 24.64 7.51
CA LEU B 61 1.56 23.60 6.52
C LEU B 61 0.17 22.93 6.52
N THR B 62 -0.54 23.03 5.41
CA THR B 62 -1.95 22.70 5.42
C THR B 62 -2.19 21.49 4.49
N PHE B 63 -2.81 20.44 5.04
CA PHE B 63 -3.04 19.16 4.36
C PHE B 63 -4.48 19.00 3.98
N THR B 64 -4.75 18.39 2.82
CA THR B 64 -6.12 18.12 2.39
C THR B 64 -6.48 16.64 2.39
N SER B 65 -7.77 16.34 2.30
CA SER B 65 -8.26 14.95 2.37
C SER B 65 -7.80 14.11 1.18
N SER B 66 -7.41 14.77 0.09
CA SER B 66 -6.96 14.05 -1.05
C SER B 66 -5.46 13.94 -1.09
N GLY B 67 -4.79 14.20 0.02
CA GLY B 67 -3.38 13.97 0.11
C GLY B 67 -2.43 15.06 -0.33
N LYS B 68 -2.92 16.29 -0.50
CA LYS B 68 -2.08 17.41 -0.90
C LYS B 68 -1.69 18.27 0.24
N VAL B 69 -0.64 19.03 0.04
CA VAL B 69 -0.15 19.91 1.10
C VAL B 69 0.06 21.29 0.47
N PHE B 70 -0.30 22.34 1.22
CA PHE B 70 -0.14 23.75 0.85
C PHE B 70 0.64 24.51 1.92
N TRP B 71 1.29 25.60 1.53
CA TRP B 71 2.10 26.38 2.42
C TRP B 71 1.44 27.71 2.62
N LEU B 72 0.91 27.96 3.81
CA LEU B 72 0.21 29.20 4.09
C LEU B 72 1.03 30.10 5.05
N PRO B 73 1.69 31.13 4.50
CA PRO B 73 2.46 32.03 5.35
C PRO B 73 1.59 32.73 6.39
N VAL B 74 2.00 32.66 7.65
CA VAL B 74 1.22 33.30 8.73
C VAL B 74 0.93 34.80 8.53
N HIS B 75 1.92 35.51 7.98
CA HIS B 75 1.85 36.93 7.70
C HIS B 75 0.72 37.34 6.68
N GLN B 76 0.35 36.47 5.77
CA GLN B 76 -0.86 36.75 4.91
C GLN B 76 -2.21 36.70 5.62
N LEU B 77 -2.31 36.04 6.79
CA LEU B 77 -3.57 36.03 7.49
C LEU B 77 -3.91 37.46 7.99
N PRO B 78 -5.20 37.84 8.07
CA PRO B 78 -5.47 39.23 8.47
C PRO B 78 -5.32 39.37 9.98
N GLU B 79 -4.90 40.57 10.40
CA GLU B 79 -4.91 40.92 11.83
C GLU B 79 -6.29 41.29 12.23
N ALA B 80 -6.77 40.73 13.34
CA ALA B 80 -8.07 41.14 13.83
C ALA B 80 -8.21 40.71 15.27
N GLY B 81 -8.96 41.49 16.04
CA GLY B 81 -9.21 41.17 17.44
C GLY B 81 -10.33 40.15 17.58
N SER B 82 -10.83 40.01 18.80
CA SER B 82 -11.96 39.12 19.01
C SER B 82 -13.23 39.67 18.38
N ASN B 83 -13.23 40.89 17.88
CA ASN B 83 -14.43 41.46 17.26
C ASN B 83 -14.55 41.26 15.73
N ALA B 84 -13.66 40.47 15.13
CA ALA B 84 -13.73 40.18 13.72
C ALA B 84 -13.42 38.71 13.43
N ARG B 85 -13.91 38.24 12.29
CA ARG B 85 -13.95 36.83 12.03
C ARG B 85 -12.65 36.33 11.40
N GLY B 86 -12.06 37.17 10.58
CA GLY B 86 -10.87 36.85 9.84
C GLY B 86 -11.28 36.38 8.47
N ARG B 87 -10.44 35.58 7.79
CA ARG B 87 -10.73 35.15 6.44
C ARG B 87 -10.81 33.65 6.39
N PRO B 88 -11.65 33.12 5.49
CA PRO B 88 -11.69 31.65 5.38
C PRO B 88 -10.32 31.10 5.02
N ILE B 89 -9.88 30.06 5.73
CA ILE B 89 -8.59 29.46 5.40
C ILE B 89 -8.58 28.92 3.93
N ILE B 90 -9.74 28.56 3.43
CA ILE B 90 -9.82 28.03 2.06
C ILE B 90 -9.65 29.09 0.96
N ASN B 91 -9.58 30.38 1.37
CA ASN B 91 -9.10 31.45 0.50
C ASN B 91 -7.69 31.21 -0.03
N TRP B 92 -6.94 30.37 0.69
CA TRP B 92 -5.60 30.01 0.29
C TRP B 92 -5.46 28.53 -0.14
N ILE B 93 -6.49 27.72 0.00
CA ILE B 93 -6.33 26.30 -0.28
C ILE B 93 -7.29 25.89 -1.41
N PRO B 94 -6.77 25.71 -2.63
CA PRO B 94 -7.69 25.31 -3.71
C PRO B 94 -8.11 23.90 -3.38
N LEU B 95 -9.36 23.61 -3.52
CA LEU B 95 -9.91 22.42 -3.01
C LEU B 95 -10.73 21.90 -4.19
N GLU B 96 -10.52 20.65 -4.60
CA GLU B 96 -11.46 19.99 -5.54
C GLU B 96 -12.84 19.84 -4.89
N SER B 97 -13.86 19.60 -5.73
CA SER B 97 -15.23 19.39 -5.26
C SER B 97 -15.27 18.25 -4.23
N GLY B 98 -15.84 18.52 -3.06
CA GLY B 98 -15.86 17.53 -1.98
C GLY B 98 -14.56 17.27 -1.22
N GLU B 99 -13.45 17.88 -1.63
CA GLU B 99 -12.16 17.74 -0.90
C GLU B 99 -12.24 18.58 0.40
N ARG B 100 -11.62 18.11 1.50
CA ARG B 100 -11.60 18.90 2.75
C ARG B 100 -10.17 19.27 3.19
N VAL B 101 -10.05 20.39 3.92
CA VAL B 101 -8.88 20.69 4.75
C VAL B 101 -8.89 19.70 5.94
N GLN B 102 -7.81 18.94 6.13
CA GLN B 102 -7.72 17.93 7.21
C GLN B 102 -6.83 18.30 8.38
N ALA B 103 -5.80 19.10 8.14
CA ALA B 103 -4.82 19.43 9.19
C ALA B 103 -4.06 20.66 8.83
N VAL B 104 -3.70 21.40 9.85
CA VAL B 104 -2.98 22.63 9.72
C VAL B 104 -1.86 22.48 10.74
N LEU B 105 -0.59 22.46 10.28
CA LEU B 105 0.56 22.26 11.15
C LEU B 105 1.55 23.46 11.06
N PRO B 106 1.67 24.22 12.14
CA PRO B 106 2.55 25.38 12.10
C PRO B 106 4.01 24.92 12.05
N VAL B 107 4.79 25.58 11.24
CA VAL B 107 6.14 25.16 10.94
C VAL B 107 7.04 26.41 10.85
N ARG B 108 8.21 26.38 11.50
CA ARG B 108 9.20 27.48 11.42
C ARG B 108 10.36 27.10 10.55
N GLU B 109 10.94 25.94 10.87
CA GLU B 109 12.11 25.39 10.22
C GLU B 109 11.68 23.97 9.81
N TYR B 110 12.26 23.47 8.75
CA TYR B 110 12.02 22.08 8.37
C TYR B 110 13.13 21.18 8.94
N ALA B 111 13.16 21.00 10.25
CA ALA B 111 14.30 20.39 10.94
C ALA B 111 14.51 18.94 10.59
N ASP B 112 15.69 18.45 10.94
CA ASP B 112 16.18 17.12 10.55
C ASP B 112 15.51 16.00 11.31
N ASN B 113 15.34 16.18 12.62
CA ASN B 113 14.79 15.10 13.45
C ASN B 113 13.27 15.19 13.65
N ARG B 114 12.56 15.79 12.69
CA ARG B 114 11.11 15.91 12.78
C ARG B 114 10.38 15.25 11.59
N TYR B 115 9.13 14.82 11.84
CA TYR B 115 8.38 13.98 10.91
C TYR B 115 6.92 14.34 10.81
N VAL B 116 6.37 14.17 9.62
CA VAL B 116 4.97 14.33 9.45
C VAL B 116 4.40 12.93 9.41
N PHE B 117 3.46 12.65 10.29
CA PHE B 117 2.91 11.34 10.34
C PHE B 117 1.49 11.44 9.79
N MET B 118 1.15 10.55 8.84
CA MET B 118 -0.15 10.61 8.13
C MET B 118 -0.96 9.35 8.35
N ALA B 119 -2.29 9.49 8.47
CA ALA B 119 -3.21 8.35 8.54
C ALA B 119 -4.38 8.49 7.56
N THR B 120 -4.76 7.36 7.00
CA THR B 120 -5.59 7.32 5.81
C THR B 120 -6.83 6.62 6.30
N ARG B 121 -7.95 6.90 5.66
CA ARG B 121 -9.25 6.32 6.01
C ARG B 121 -9.22 4.78 5.86
N ASN B 122 -8.47 4.30 4.86
CA ASN B 122 -8.43 2.84 4.57
C ASN B 122 -7.42 2.07 5.40
N GLY B 123 -6.77 2.77 6.34
CA GLY B 123 -5.92 2.08 7.34
C GLY B 123 -4.43 2.09 7.02
N THR B 124 -4.03 2.94 6.11
CA THR B 124 -2.64 3.13 5.82
C THR B 124 -2.05 4.28 6.63
N VAL B 125 -0.77 4.17 6.98
CA VAL B 125 0.00 5.24 7.62
C VAL B 125 1.29 5.50 6.86
N LYS B 126 1.80 6.71 6.97
CA LYS B 126 3.11 7.06 6.46
C LYS B 126 3.82 8.03 7.42
N LYS B 127 5.15 8.00 7.38
CA LYS B 127 6.01 8.88 8.14
C LYS B 127 7.00 9.45 7.16
N THR B 128 6.90 10.76 6.92
CA THR B 128 7.80 11.50 6.04
C THR B 128 8.62 12.54 6.84
N PRO B 129 9.93 12.66 6.56
CA PRO B 129 10.70 13.73 7.23
C PRO B 129 10.13 15.09 6.86
N LEU B 130 10.03 15.97 7.85
CA LEU B 130 9.60 17.35 7.60
C LEU B 130 10.48 18.04 6.54
N SER B 131 11.74 17.64 6.43
CA SER B 131 12.63 18.17 5.39
C SER B 131 12.09 18.00 4.00
N GLU B 132 11.25 16.98 3.78
CA GLU B 132 10.64 16.80 2.43
C GLU B 132 9.61 17.87 2.09
N PHE B 133 9.22 18.69 3.07
CA PHE B 133 8.23 19.76 2.83
C PHE B 133 8.82 21.16 2.78
N ALA B 134 10.14 21.23 2.62
CA ALA B 134 10.90 22.48 2.69
C ALA B 134 10.58 23.50 1.62
N PHE B 135 10.25 23.06 0.41
CA PHE B 135 10.20 24.01 -0.70
C PHE B 135 8.80 24.21 -1.26
N ARG B 136 8.21 25.37 -0.95
CA ARG B 136 6.78 25.64 -1.24
C ARG B 136 6.46 25.86 -2.71
N LEU B 137 5.24 25.48 -3.09
CA LEU B 137 4.70 25.79 -4.40
C LEU B 137 3.25 26.27 -4.24
N ALA B 138 2.89 27.27 -5.04
CA ALA B 138 1.54 27.86 -5.08
C ALA B 138 0.44 26.84 -5.40
N ARG B 139 0.72 25.95 -6.34
CA ARG B 139 -0.21 24.89 -6.73
C ARG B 139 -0.23 23.76 -5.68
N GLY B 140 0.68 23.83 -4.70
CA GLY B 140 0.82 22.78 -3.70
C GLY B 140 1.52 21.53 -4.22
N LYS B 141 1.61 20.50 -3.37
CA LYS B 141 2.34 19.30 -3.73
C LYS B 141 1.61 18.10 -3.17
N ILE B 142 2.10 16.92 -3.52
CA ILE B 142 1.55 15.67 -3.03
C ILE B 142 2.22 15.40 -1.70
N ALA B 143 1.44 15.11 -0.66
CA ALA B 143 2.10 14.68 0.60
C ALA B 143 2.04 13.17 0.71
N ILE B 144 1.03 12.58 0.08
CA ILE B 144 0.80 11.15 0.10
C ILE B 144 -0.02 10.77 -1.12
N ASN B 145 0.41 9.72 -1.79
CA ASN B 145 -0.39 9.17 -2.89
C ASN B 145 -1.44 8.22 -2.34
N LEU B 146 -2.69 8.48 -2.69
CA LEU B 146 -3.81 7.74 -2.12
C LEU B 146 -4.38 6.78 -3.15
N ASP B 147 -4.76 5.58 -2.71
CA ASP B 147 -5.55 4.71 -3.54
C ASP B 147 -6.93 5.31 -3.72
N GLU B 148 -7.51 4.96 -4.88
CA GLU B 148 -8.87 5.33 -5.26
C GLU B 148 -9.85 5.12 -4.09
N GLY B 149 -10.58 6.17 -3.71
CA GLY B 149 -11.57 6.06 -2.65
C GLY B 149 -11.02 6.24 -1.22
N ASP B 150 -9.70 6.41 -1.12
CA ASP B 150 -9.09 6.62 0.20
C ASP B 150 -9.03 8.14 0.41
N ALA B 151 -8.89 8.55 1.65
CA ALA B 151 -8.76 9.96 2.02
C ALA B 151 -7.76 10.03 3.15
N LEU B 152 -7.07 11.16 3.24
CA LEU B 152 -6.19 11.44 4.38
C LEU B 152 -7.13 11.85 5.55
N VAL B 153 -6.96 11.30 6.74
CA VAL B 153 -7.91 11.53 7.85
C VAL B 153 -7.20 11.93 9.14
N GLY B 154 -5.87 12.05 9.11
CA GLY B 154 -5.13 12.52 10.31
C GLY B 154 -3.72 12.87 9.90
N VAL B 155 -3.18 13.97 10.44
CA VAL B 155 -1.78 14.36 10.18
C VAL B 155 -1.22 14.94 11.49
N ALA B 156 0.01 14.59 11.86
CA ALA B 156 0.61 15.21 13.06
C ALA B 156 2.08 15.51 12.83
N LEU B 157 2.61 16.50 13.55
CA LEU B 157 4.07 16.69 13.60
C LEU B 157 4.64 15.90 14.76
N THR B 158 5.77 15.25 14.54
CA THR B 158 6.32 14.30 15.55
C THR B 158 7.84 14.34 15.58
N ASP B 159 8.43 13.78 16.63
CA ASP B 159 9.88 13.77 16.80
C ASP B 159 10.45 12.41 16.47
N GLY B 160 9.58 11.48 16.07
CA GLY B 160 9.97 10.12 15.67
C GLY B 160 9.92 9.12 16.80
N ASP B 161 9.74 9.59 18.02
CA ASP B 161 9.66 8.68 19.15
C ASP B 161 8.27 8.63 19.76
N ARG B 162 7.27 8.98 18.96
CA ARG B 162 5.91 9.01 19.48
C ARG B 162 5.23 7.66 19.34
N ASP B 163 4.26 7.41 20.20
CA ASP B 163 3.32 6.31 19.99
C ASP B 163 2.17 6.79 19.07
N VAL B 164 1.65 5.88 18.25
CA VAL B 164 0.60 6.20 17.29
C VAL B 164 -0.58 5.34 17.63
N LEU B 165 -1.76 5.95 17.75
CA LEU B 165 -2.99 5.20 17.92
C LEU B 165 -3.92 5.48 16.73
N LEU B 166 -4.50 4.41 16.19
CA LEU B 166 -5.49 4.54 15.13
C LEU B 166 -6.77 4.01 15.66
N PHE B 167 -7.87 4.72 15.47
CA PHE B 167 -9.19 4.27 15.89
C PHE B 167 -10.09 4.13 14.68
N ALA B 168 -10.76 2.99 14.61
CA ALA B 168 -11.64 2.66 13.51
C ALA B 168 -13.07 2.92 13.94
N SER B 169 -13.94 3.11 12.95
CA SER B 169 -15.35 3.40 13.12
C SER B 169 -16.04 2.33 13.96
N ASN B 170 -15.47 1.14 13.86
CA ASN B 170 -15.68 -0.06 14.64
C ASN B 170 -15.44 0.08 16.14
N GLY B 171 -14.75 1.14 16.52
CA GLY B 171 -14.19 1.24 17.84
C GLY B 171 -12.90 0.51 18.07
N LYS B 172 -12.41 -0.25 17.08
CA LYS B 172 -11.09 -0.94 17.17
C LYS B 172 -9.90 0.01 17.07
N THR B 173 -8.84 -0.29 17.80
CA THR B 173 -7.73 0.62 17.92
C THR B 173 -6.45 -0.17 18.08
N VAL B 174 -5.41 0.28 17.39
CA VAL B 174 -4.07 -0.23 17.55
C VAL B 174 -3.22 0.88 18.16
N ARG B 175 -2.02 0.54 18.58
CA ARG B 175 -1.13 1.48 19.19
C ARG B 175 0.26 0.90 19.07
N PHE B 176 1.14 1.63 18.40
CA PHE B 176 2.45 1.09 18.08
C PHE B 176 3.39 2.27 17.98
N GLY B 177 4.69 2.01 18.08
CA GLY B 177 5.68 3.07 18.04
C GLY B 177 5.88 3.55 16.62
N GLU B 178 6.05 4.85 16.48
CA GLU B 178 6.33 5.50 15.23
C GLU B 178 7.65 4.97 14.63
N SER B 179 8.56 4.54 15.50
CA SER B 179 9.89 4.11 15.06
C SER B 179 9.81 2.80 14.25
N THR B 180 8.70 2.10 14.39
CA THR B 180 8.50 0.87 13.65
C THR B 180 8.02 1.15 12.22
N VAL B 181 7.88 2.42 11.86
CA VAL B 181 7.45 2.84 10.54
C VAL B 181 8.62 3.56 9.94
N ARG B 182 9.10 3.07 8.80
CA ARG B 182 10.33 3.62 8.25
C ARG B 182 10.00 4.91 7.47
N SER B 183 10.97 5.84 7.36
CA SER B 183 10.75 7.08 6.65
C SER B 183 10.60 6.85 5.17
N MET B 184 9.60 7.51 4.58
CA MET B 184 9.28 7.44 3.16
C MET B 184 9.16 8.86 2.64
N GLY B 185 9.42 9.08 1.36
CA GLY B 185 9.15 10.36 0.73
C GLY B 185 7.67 10.64 0.52
N ARG B 186 7.37 11.71 -0.21
CA ARG B 186 6.02 12.19 -0.35
C ARG B 186 5.19 11.41 -1.39
N THR B 187 5.83 10.81 -2.39
CA THR B 187 5.06 10.09 -3.43
C THR B 187 4.68 8.70 -2.95
N ALA B 188 5.32 8.18 -1.91
CA ALA B 188 4.93 6.90 -1.42
C ALA B 188 3.51 6.93 -0.83
N THR B 189 2.96 5.73 -0.77
CA THR B 189 1.61 5.49 -0.44
C THR B 189 1.63 5.20 1.07
N GLY B 190 2.75 4.68 1.60
CA GLY B 190 2.80 4.32 3.02
C GLY B 190 2.91 2.84 3.37
N VAL B 191 2.51 2.49 4.60
CA VAL B 191 2.49 1.11 5.05
C VAL B 191 1.17 0.82 5.78
N ARG B 192 0.95 -0.44 6.17
CA ARG B 192 -0.32 -0.82 6.77
C ARG B 192 -0.36 -0.31 8.23
N GLY B 193 -1.51 0.22 8.63
CA GLY B 193 -1.63 0.83 9.96
C GLY B 193 -2.49 -0.09 10.78
N ILE B 194 -3.62 -0.45 10.21
CA ILE B 194 -4.57 -1.27 10.93
C ILE B 194 -5.33 -2.10 9.89
N ARG B 195 -5.62 -3.34 10.24
CA ARG B 195 -6.48 -4.13 9.37
C ARG B 195 -7.93 -3.90 9.78
N LEU B 196 -8.69 -3.26 8.92
CA LEU B 196 -10.08 -2.87 9.20
C LEU B 196 -11.07 -4.00 8.93
N ALA B 197 -12.11 -4.12 9.75
CA ALA B 197 -13.23 -5.00 9.41
C ALA B 197 -14.00 -4.47 8.20
N LYS B 198 -14.64 -5.38 7.46
CA LYS B 198 -15.35 -5.01 6.21
C LYS B 198 -16.33 -3.84 6.43
N GLY B 199 -16.27 -2.85 5.53
CA GLY B 199 -17.12 -1.68 5.65
C GLY B 199 -16.69 -0.65 6.70
N GLU B 200 -15.65 -0.95 7.47
CA GLU B 200 -15.22 -0.04 8.50
C GLU B 200 -14.13 0.89 7.97
N GLU B 201 -13.93 2.02 8.65
CA GLU B 201 -12.89 2.96 8.27
C GLU B 201 -12.14 3.51 9.49
N VAL B 202 -10.94 4.03 9.24
CA VAL B 202 -10.20 4.76 10.29
C VAL B 202 -10.78 6.17 10.42
N VAL B 203 -10.94 6.56 11.66
CA VAL B 203 -11.68 7.73 11.97
C VAL B 203 -10.71 8.73 12.67
N SER B 204 -9.76 8.24 13.48
CA SER B 204 -8.89 9.18 14.21
C SER B 204 -7.46 8.67 14.30
N LEU B 205 -6.55 9.62 14.20
CA LEU B 205 -5.14 9.47 14.52
C LEU B 205 -4.93 10.16 15.84
N ILE B 206 -4.29 9.44 16.75
CA ILE B 206 -3.70 10.08 17.93
C ILE B 206 -2.22 9.76 18.04
N VAL B 207 -1.46 10.78 18.36
CA VAL B 207 -0.04 10.67 18.62
C VAL B 207 0.20 11.14 20.05
N SER B 208 1.01 10.38 20.77
CA SER B 208 1.30 10.66 22.17
C SER B 208 2.70 10.17 22.55
N GLU B 209 3.17 10.56 23.72
CA GLU B 209 4.46 10.05 24.18
C GLU B 209 4.37 8.65 24.84
N ARG B 210 5.50 7.96 24.95
CA ARG B 210 5.64 6.71 25.74
C ARG B 210 4.63 5.62 25.37
N VAL B 246 -1.87 13.78 33.47
CA VAL B 246 -2.85 12.68 33.53
C VAL B 246 -3.71 12.67 32.25
N ALA B 247 -3.20 12.02 31.21
CA ALA B 247 -3.78 12.03 29.85
C ALA B 247 -4.95 11.07 29.63
N TYR B 248 -6.04 11.59 29.09
CA TYR B 248 -7.20 10.77 28.75
C TYR B 248 -7.49 10.76 27.23
N ILE B 249 -8.06 9.65 26.76
CA ILE B 249 -8.65 9.67 25.44
C ILE B 249 -10.18 9.78 25.48
N LEU B 250 -10.70 10.76 24.77
CA LEU B 250 -12.12 10.89 24.63
C LEU B 250 -12.53 10.16 23.38
N THR B 251 -13.48 9.24 23.53
CA THR B 251 -14.11 8.56 22.40
C THR B 251 -15.56 9.06 22.36
N ALA B 252 -16.10 9.26 21.15
CA ALA B 252 -17.49 9.71 21.04
C ALA B 252 -18.14 9.13 19.80
N THR B 253 -19.45 8.83 19.86
CA THR B 253 -20.14 8.05 18.82
C THR B 253 -21.25 8.84 18.10
N GLU B 254 -21.71 8.37 16.95
CA GLU B 254 -22.64 9.17 16.12
C GLU B 254 -24.01 9.51 16.80
N ASN B 255 -24.41 8.62 17.71
CA ASN B 255 -25.67 8.76 18.42
C ASN B 255 -25.48 9.47 19.75
N GLY B 256 -24.23 9.89 19.99
CA GLY B 256 -23.95 10.90 20.99
C GLY B 256 -23.47 10.43 22.32
N TYR B 257 -22.92 9.21 22.36
CA TYR B 257 -22.35 8.60 23.57
C TYR B 257 -20.81 8.59 23.57
N GLY B 258 -20.21 8.46 24.75
CA GLY B 258 -18.77 8.47 24.86
C GLY B 258 -18.24 8.44 26.28
N LYS B 259 -16.94 8.69 26.41
CA LYS B 259 -16.27 8.58 27.69
C LYS B 259 -14.85 9.03 27.55
N ARG B 260 -14.24 9.33 28.70
CA ARG B 260 -12.81 9.47 28.84
C ARG B 260 -12.27 8.17 29.41
N THR B 261 -11.14 7.72 28.87
CA THR B 261 -10.47 6.51 29.33
C THR B 261 -8.98 6.85 29.37
N PRO B 262 -8.27 6.47 30.45
CA PRO B 262 -6.86 6.86 30.50
C PRO B 262 -6.11 6.30 29.32
N LEU B 263 -5.19 7.10 28.81
CA LEU B 263 -4.28 6.69 27.76
C LEU B 263 -3.54 5.40 28.15
N ALA B 264 -3.13 5.33 29.41
CA ALA B 264 -2.43 4.17 29.96
C ALA B 264 -3.22 2.87 29.85
N GLU B 265 -4.54 2.96 29.73
CA GLU B 265 -5.36 1.74 29.52
C GLU B 265 -5.38 1.20 28.08
N TYR B 266 -4.70 1.89 27.16
CA TYR B 266 -4.62 1.49 25.75
C TYR B 266 -3.27 0.78 25.53
N PRO B 267 -3.28 -0.57 25.41
CA PRO B 267 -2.02 -1.33 25.40
C PRO B 267 -1.40 -1.37 23.99
N ARG B 268 -0.09 -1.58 23.92
CA ARG B 268 0.59 -1.82 22.65
C ARG B 268 -0.18 -2.93 21.89
N LYS B 269 -0.24 -2.84 20.57
CA LYS B 269 -1.13 -3.77 19.87
C LYS B 269 -0.71 -4.03 18.43
N GLY B 270 0.38 -3.42 18.01
CA GLY B 270 0.98 -3.86 16.77
C GLY B 270 0.33 -3.28 15.53
N ARG B 271 1.15 -2.50 14.82
CA ARG B 271 0.94 -2.03 13.45
C ARG B 271 0.34 -3.16 12.62
N GLY B 272 -0.76 -2.89 11.91
CA GLY B 272 -1.29 -3.87 10.97
C GLY B 272 -2.03 -5.07 11.58
N THR B 273 -2.32 -5.01 12.87
CA THR B 273 -3.28 -5.94 13.46
C THR B 273 -4.67 -5.35 13.36
N GLN B 274 -5.65 -6.12 13.82
CA GLN B 274 -7.05 -5.74 13.87
C GLN B 274 -7.38 -4.78 15.02
N GLY B 275 -6.44 -4.60 15.96
CA GLY B 275 -6.64 -3.78 17.14
C GLY B 275 -7.46 -4.42 18.23
N VAL B 276 -7.71 -3.67 19.30
CA VAL B 276 -8.61 -4.08 20.40
C VAL B 276 -9.75 -3.07 20.49
N ILE B 277 -10.80 -3.43 21.23
CA ILE B 277 -11.90 -2.49 21.53
C ILE B 277 -11.39 -1.24 22.26
N GLY B 278 -11.62 -0.06 21.66
CA GLY B 278 -11.26 1.23 22.30
C GLY B 278 -12.49 1.87 22.92
N ILE B 279 -13.65 1.43 22.43
CA ILE B 279 -14.98 1.82 22.87
C ILE B 279 -15.88 0.79 22.19
N GLN B 280 -16.94 0.39 22.86
CA GLN B 280 -17.87 -0.56 22.29
C GLN B 280 -18.78 0.20 21.36
N THR B 281 -19.00 -0.36 20.19
CA THR B 281 -19.79 0.30 19.17
C THR B 281 -21.17 -0.36 18.99
N THR B 282 -21.88 -0.50 20.10
CA THR B 282 -23.22 -1.11 20.14
C THR B 282 -24.26 -0.45 19.22
N GLU B 283 -25.40 -1.11 18.99
CA GLU B 283 -26.51 -0.49 18.21
C GLU B 283 -27.01 0.84 18.81
N ARG B 284 -27.02 0.93 20.15
CA ARG B 284 -27.29 2.19 20.86
C ARG B 284 -26.26 3.29 20.52
N ASN B 285 -24.97 3.01 20.75
CA ASN B 285 -23.87 3.93 20.39
C ASN B 285 -23.80 4.35 18.93
N GLY B 286 -23.95 3.39 18.03
CA GLY B 286 -23.60 3.62 16.65
C GLY B 286 -22.10 3.72 16.49
N LYS B 287 -21.65 4.16 15.32
CA LYS B 287 -20.22 4.20 14.98
C LYS B 287 -19.45 5.28 15.72
N LEU B 288 -18.17 5.02 15.97
CA LEU B 288 -17.25 6.03 16.51
C LEU B 288 -17.05 7.20 15.55
N VAL B 289 -17.22 8.41 16.09
CA VAL B 289 -17.05 9.65 15.32
C VAL B 289 -15.63 10.17 15.45
N ARG B 290 -15.08 10.13 16.66
CA ARG B 290 -13.72 10.63 16.88
C ARG B 290 -13.12 10.12 18.16
N ALA B 291 -11.82 9.91 18.17
CA ALA B 291 -11.10 9.72 19.40
C ALA B 291 -10.07 10.82 19.46
N VAL B 292 -9.96 11.44 20.62
CA VAL B 292 -9.07 12.57 20.75
C VAL B 292 -8.40 12.58 22.12
N LEU B 293 -7.10 12.82 22.13
CA LEU B 293 -6.30 12.92 23.33
C LEU B 293 -6.62 14.30 23.96
N LEU B 294 -6.99 14.29 25.22
CA LEU B 294 -7.29 15.52 25.93
C LEU B 294 -6.12 16.01 26.78
N GLY B 295 -5.79 17.31 26.65
CA GLY B 295 -5.09 18.06 27.72
C GLY B 295 -6.01 18.30 28.94
N SER B 296 -5.39 18.55 30.11
CA SER B 296 -6.09 18.64 31.42
C SER B 296 -7.00 19.86 31.62
N THR B 297 -6.67 20.95 30.92
CA THR B 297 -7.44 22.16 31.00
C THR B 297 -8.37 22.43 29.76
N ASP B 298 -8.54 21.42 28.89
CA ASP B 298 -9.23 21.53 27.58
C ASP B 298 -10.73 21.84 27.64
N GLU B 299 -11.17 22.80 26.84
CA GLU B 299 -12.59 22.86 26.41
C GLU B 299 -12.86 21.70 25.44
N VAL B 300 -14.04 21.08 25.55
CA VAL B 300 -14.57 20.19 24.51
C VAL B 300 -15.85 20.74 23.86
N MET B 301 -15.91 20.69 22.53
CA MET B 301 -17.12 21.08 21.82
C MET B 301 -17.64 19.85 21.08
N LEU B 302 -18.93 19.59 21.24
CA LEU B 302 -19.62 18.52 20.52
C LEU B 302 -20.61 19.14 19.56
N ILE B 303 -20.43 18.82 18.30
CA ILE B 303 -21.25 19.48 17.34
C ILE B 303 -22.02 18.50 16.39
N SER B 304 -23.35 18.62 16.35
CA SER B 304 -24.21 17.73 15.56
C SER B 304 -24.34 18.09 14.07
N ASP B 305 -25.07 17.18 13.43
CA ASP B 305 -25.52 17.13 12.05
C ASP B 305 -26.49 18.24 11.66
N GLY B 306 -27.25 18.71 12.64
CA GLY B 306 -28.38 19.59 12.35
C GLY B 306 -28.56 20.75 13.33
N GLY B 307 -27.49 21.34 13.78
CA GLY B 307 -27.60 22.61 14.47
C GLY B 307 -27.60 22.58 15.99
N THR B 308 -26.94 21.57 16.56
CA THR B 308 -26.72 21.50 17.99
C THR B 308 -25.25 21.54 18.38
N LEU B 309 -24.94 22.44 19.31
CA LEU B 309 -23.58 22.56 19.82
C LEU B 309 -23.60 22.48 21.32
N VAL B 310 -22.75 21.64 21.89
CA VAL B 310 -22.60 21.63 23.35
C VAL B 310 -21.15 21.78 23.75
N ARG B 311 -20.95 22.57 24.79
CA ARG B 311 -19.65 22.90 25.31
C ARG B 311 -19.50 22.33 26.69
N THR B 312 -18.35 21.72 26.93
CA THR B 312 -18.00 21.15 28.24
C THR B 312 -16.52 21.34 28.49
N ARG B 313 -16.13 21.31 29.75
CA ARG B 313 -14.75 21.29 30.11
C ARG B 313 -14.43 19.81 30.00
N GLY B 314 -13.23 19.50 29.50
CA GLY B 314 -12.79 18.13 29.42
C GLY B 314 -12.88 17.45 30.76
N SER B 315 -12.52 18.16 31.83
CA SER B 315 -12.56 17.59 33.20
C SER B 315 -13.93 17.07 33.71
N GLU B 316 -15.01 17.35 32.98
CA GLU B 316 -16.38 16.99 33.37
C GLU B 316 -17.00 15.76 32.67
N ILE B 317 -16.26 15.15 31.77
CA ILE B 317 -16.77 13.95 31.09
C ILE B 317 -16.44 12.73 31.93
N SER B 318 -17.40 11.83 32.06
CA SER B 318 -17.23 10.64 32.89
C SER B 318 -16.04 9.76 32.49
N ARG B 319 -15.23 9.40 33.47
CA ARG B 319 -14.14 8.47 33.26
C ARG B 319 -14.62 7.03 33.37
N VAL B 320 -14.34 6.24 32.34
CA VAL B 320 -14.81 4.86 32.24
C VAL B 320 -13.69 4.01 31.61
N GLY B 321 -13.76 2.70 31.81
CA GLY B 321 -12.81 1.78 31.18
C GLY B 321 -12.88 1.74 29.65
N ARG B 322 -11.84 1.15 29.06
CA ARG B 322 -11.72 1.00 27.62
C ARG B 322 -12.89 0.26 27.01
N ASN B 323 -13.05 -1.00 27.42
CA ASN B 323 -14.03 -1.90 26.82
C ASN B 323 -15.41 -1.74 27.48
N THR B 324 -15.96 -0.53 27.33
CA THR B 324 -17.28 -0.19 27.86
C THR B 324 -17.90 0.77 26.87
N GLN B 325 -19.17 1.09 27.10
CA GLN B 325 -19.90 1.87 26.14
C GLN B 325 -20.16 3.31 26.58
N GLY B 326 -20.85 4.05 25.75
CA GLY B 326 -21.12 5.43 26.11
C GLY B 326 -21.72 5.71 27.50
N VAL B 327 -21.45 6.94 27.94
CA VAL B 327 -22.34 7.73 28.76
C VAL B 327 -22.88 8.78 27.77
N THR B 328 -24.11 9.26 27.95
CA THR B 328 -24.69 10.27 27.05
C THR B 328 -23.81 11.53 27.08
N LEU B 329 -23.50 12.11 25.91
CA LEU B 329 -22.61 13.28 25.87
C LEU B 329 -23.31 14.45 25.24
N ILE B 330 -24.21 14.14 24.32
CA ILE B 330 -25.00 15.16 23.66
C ILE B 330 -26.36 14.55 23.34
N ARG B 331 -27.42 15.28 23.63
CA ARG B 331 -28.77 14.86 23.34
C ARG B 331 -29.15 15.28 21.92
N LEU B 332 -29.62 14.30 21.16
CA LEU B 332 -29.90 14.48 19.74
C LEU B 332 -31.36 14.17 19.49
N SER B 333 -31.94 14.85 18.50
CA SER B 333 -33.23 14.48 17.95
C SER B 333 -33.07 13.16 17.20
N LYS B 334 -34.18 12.50 16.89
CA LYS B 334 -34.15 11.38 15.96
C LYS B 334 -33.78 11.95 14.59
N GLY B 335 -32.92 11.24 13.85
CA GLY B 335 -32.38 11.75 12.58
C GLY B 335 -31.07 12.53 12.76
N GLU B 336 -30.87 13.11 13.94
CA GLU B 336 -29.67 13.93 14.22
C GLU B 336 -28.49 13.07 14.68
N LYS B 337 -27.31 13.36 14.13
CA LYS B 337 -26.08 12.69 14.51
C LYS B 337 -24.99 13.63 15.03
N LEU B 338 -24.19 13.15 15.99
CA LEU B 338 -22.91 13.79 16.30
C LEU B 338 -22.03 13.82 15.06
N GLN B 339 -21.59 15.00 14.66
CA GLN B 339 -20.79 15.17 13.45
C GLN B 339 -19.33 15.42 13.81
N ALA B 340 -19.09 16.13 14.92
CA ALA B 340 -17.73 16.60 15.20
C ALA B 340 -17.43 16.72 16.68
N VAL B 341 -16.16 16.47 17.02
CA VAL B 341 -15.66 16.65 18.38
C VAL B 341 -14.36 17.44 18.29
N GLU B 342 -14.35 18.59 18.97
CA GLU B 342 -13.25 19.52 18.93
C GLU B 342 -12.83 19.81 20.33
N ARG B 343 -11.57 20.25 20.49
CA ARG B 343 -11.01 20.59 21.78
C ARG B 343 -10.26 21.93 21.65
N LEU B 344 -10.21 22.71 22.71
CA LEU B 344 -9.37 23.90 22.68
C LEU B 344 -8.59 23.97 23.96
N ASP B 345 -7.29 24.13 23.82
CA ASP B 345 -6.44 24.51 24.91
C ASP B 345 -6.11 25.97 24.59
N ALA B 346 -6.78 26.88 25.28
CA ALA B 346 -6.67 28.30 24.87
C ALA B 346 -5.32 28.94 25.24
#